data_5N3S
#
_entry.id   5N3S
#
_cell.length_a   51.662
_cell.length_b   71.785
_cell.length_c   97.384
_cell.angle_alpha   90.00
_cell.angle_beta   90.00
_cell.angle_gamma   90.00
#
_symmetry.space_group_name_H-M   'P 21 21 21'
#
loop_
_entity.id
_entity.type
_entity.pdbx_description
1 polymer 'cAMP-dependent protein kinase catalytic subunit alpha'
2 non-polymer 4-HYDROXYBENZAMIDE
3 non-polymer (4S)-2-METHYL-2,4-PENTANEDIOL
4 non-polymer 'DIMETHYL SULFOXIDE'
5 water water
#
_entity_poly.entity_id   1
_entity_poly.type   'polypeptide(L)'
_entity_poly.pdbx_seq_one_letter_code
;GHMGNAAAAKKG(SEP)EQESVKEFLAKAKEEFLKKWESPSQNTAQLDHFDRIKTLGTGSFGRVMLVKHKETGNHYAMKI
LDKQKVVKLKQIEHTLNEKRILQAVNFPFLVKLEFSFKDNSNLYMVMEYVPGGEMFSHLRRIGRF(SEP)EPHARFYAAQ
IVLTFEYLHSLDLIYRDLKPENLLIDQQGYIQVTDFGFAKRVKGRTW(TPO)LCGTPEYLAPEIILSKGYNKAVDWWALG
VLIYEMAAGYPPFFADQPIQIYEKIVSGKVRFPSHFSSDLKDLLRNLLQVDLTKRFGNLKNGVNDIKNHKWFATTDWIAI
YQRKVEAPFIPKFKGPGDTSNFDDYEEEEIRV(SEP)INEKCGKEFTEF
;
_entity_poly.pdbx_strand_id   A
#
loop_
_chem_comp.id
_chem_comp.type
_chem_comp.name
_chem_comp.formula
DMS non-polymer 'DIMETHYL SULFOXIDE' 'C2 H6 O S'
HBD non-polymer 4-HYDROXYBENZAMIDE 'C7 H7 N O2'
MPD non-polymer (4S)-2-METHYL-2,4-PENTANEDIOL 'C6 H14 O2'
#
# COMPACT_ATOMS: atom_id res chain seq x y z
N GLU A 14 0.19 4.66 25.75
CA GLU A 14 -1.08 5.03 25.16
C GLU A 14 -2.22 4.62 26.09
N GLN A 15 -3.44 5.07 25.80
CA GLN A 15 -4.57 4.66 26.63
C GLN A 15 -4.68 3.13 26.58
N GLU A 16 -5.02 2.56 27.73
CA GLU A 16 -5.23 1.13 27.82
C GLU A 16 -6.14 0.68 26.71
N SER A 17 -7.05 1.55 26.26
CA SER A 17 -7.94 1.19 25.17
C SER A 17 -7.17 0.82 23.91
N VAL A 18 -6.12 1.57 23.58
CA VAL A 18 -5.32 1.27 22.39
C VAL A 18 -4.49 0.01 22.62
N LYS A 19 -3.89 -0.13 23.80
CA LYS A 19 -3.12 -1.32 24.13
C LYS A 19 -3.96 -2.57 23.98
N GLU A 20 -5.17 -2.55 24.52
CA GLU A 20 -6.00 -3.74 24.44
C GLU A 20 -6.46 -4.00 23.03
N PHE A 21 -6.76 -2.95 22.26
CA PHE A 21 -7.10 -3.14 20.86
C PHE A 21 -5.96 -3.83 20.12
N LEU A 22 -4.73 -3.34 20.30
CA LEU A 22 -3.63 -3.93 19.55
C LEU A 22 -3.29 -5.33 20.05
N ALA A 23 -3.49 -5.62 21.33
CA ALA A 23 -3.26 -6.98 21.81
C ALA A 23 -4.21 -7.95 21.14
N LYS A 24 -5.48 -7.59 21.03
CA LYS A 24 -6.43 -8.44 20.34
C LYS A 24 -6.09 -8.55 18.87
N ALA A 25 -5.70 -7.44 18.24
CA ALA A 25 -5.33 -7.48 16.83
C ALA A 25 -4.19 -8.49 16.62
N LYS A 26 -3.21 -8.50 17.50
CA LYS A 26 -2.08 -9.39 17.34
C LYS A 26 -2.47 -10.84 17.57
N GLU A 27 -3.31 -11.08 18.57
CA GLU A 27 -3.83 -12.44 18.80
C GLU A 27 -4.48 -13.00 17.56
N GLU A 28 -5.35 -12.20 16.94
CA GLU A 28 -6.11 -12.69 15.82
C GLU A 28 -5.22 -12.88 14.61
N PHE A 29 -4.29 -11.95 14.39
CA PHE A 29 -3.32 -12.10 13.30
C PHE A 29 -2.51 -13.36 13.48
N LEU A 30 -1.98 -13.59 14.69
CA LEU A 30 -1.08 -14.72 14.87
C LEU A 30 -1.79 -16.04 14.65
N LYS A 31 -3.04 -16.16 15.06
CA LYS A 31 -3.75 -17.42 14.83
C LYS A 31 -3.85 -17.73 13.34
N LYS A 32 -4.17 -16.73 12.52
CA LYS A 32 -4.21 -16.96 11.07
C LYS A 32 -2.83 -17.09 10.45
N TRP A 33 -1.83 -16.38 10.99
CA TRP A 33 -0.46 -16.47 10.50
C TRP A 33 0.06 -17.89 10.69
N GLU A 34 -0.25 -18.50 11.82
CA GLU A 34 0.26 -19.81 12.13
C GLU A 34 -0.45 -20.92 11.37
N SER A 35 -1.69 -20.70 10.93
CA SER A 35 -2.46 -21.71 10.22
C SER A 35 -3.12 -21.07 9.00
N PRO A 36 -2.35 -20.78 7.96
CA PRO A 36 -2.90 -20.00 6.85
C PRO A 36 -3.97 -20.76 6.07
N SER A 37 -4.94 -20.03 5.57
CA SER A 37 -5.89 -20.62 4.63
C SER A 37 -5.20 -20.88 3.30
N GLN A 38 -5.69 -21.89 2.60
CA GLN A 38 -5.14 -22.31 1.32
C GLN A 38 -6.26 -22.86 0.45
N ASN A 39 -6.15 -22.63 -0.86
CA ASN A 39 -6.96 -23.37 -1.83
C ASN A 39 -8.46 -23.18 -1.58
N THR A 40 -8.90 -21.92 -1.53
CA THR A 40 -10.27 -21.62 -1.14
C THR A 40 -11.19 -21.27 -2.30
N ALA A 41 -10.71 -21.31 -3.54
CA ALA A 41 -11.53 -21.19 -4.74
C ALA A 41 -10.76 -21.84 -5.88
N GLN A 42 -11.28 -21.73 -7.10
CA GLN A 42 -10.56 -22.17 -8.29
C GLN A 42 -10.96 -21.27 -9.46
N LEU A 43 -10.15 -21.31 -10.51
CA LEU A 43 -10.27 -20.31 -11.57
C LEU A 43 -11.63 -20.38 -12.25
N ASP A 44 -12.15 -21.58 -12.51
CA ASP A 44 -13.38 -21.69 -13.28
C ASP A 44 -14.63 -21.38 -12.45
N HIS A 45 -14.46 -20.88 -11.23
CA HIS A 45 -15.56 -20.27 -10.50
C HIS A 45 -15.83 -18.84 -10.95
N PHE A 46 -14.97 -18.27 -11.79
CA PHE A 46 -15.00 -16.87 -12.14
C PHE A 46 -15.05 -16.67 -13.65
N ASP A 47 -15.71 -15.59 -14.05
CA ASP A 47 -15.63 -15.02 -15.40
C ASP A 47 -14.63 -13.86 -15.37
N ARG A 48 -13.83 -13.76 -16.42
CA ARG A 48 -12.90 -12.65 -16.60
C ARG A 48 -13.63 -11.47 -17.25
N ILE A 49 -13.44 -10.28 -16.70
N ILE A 49 -13.40 -10.27 -16.73
CA ILE A 49 -14.08 -9.07 -17.21
CA ILE A 49 -14.01 -9.06 -17.27
C ILE A 49 -13.08 -8.14 -17.89
C ILE A 49 -12.99 -8.17 -17.97
N LYS A 50 -12.00 -7.77 -17.21
N LYS A 50 -11.97 -7.72 -17.23
CA LYS A 50 -11.10 -6.74 -17.72
CA LYS A 50 -11.10 -6.69 -17.79
C LYS A 50 -9.76 -6.86 -17.01
C LYS A 50 -9.81 -6.64 -16.99
N THR A 51 -8.70 -6.39 -17.67
CA THR A 51 -7.41 -6.22 -17.02
C THR A 51 -7.37 -4.82 -16.41
N LEU A 52 -7.08 -4.73 -15.11
CA LEU A 52 -7.02 -3.47 -14.39
C LEU A 52 -5.60 -2.95 -14.20
N GLY A 53 -4.60 -3.81 -14.29
CA GLY A 53 -3.22 -3.39 -14.15
C GLY A 53 -2.31 -4.56 -14.49
N THR A 54 -1.07 -4.24 -14.87
N THR A 54 -1.06 -4.22 -14.82
CA THR A 54 -0.15 -5.29 -15.33
CA THR A 54 -0.10 -5.21 -15.26
C THR A 54 1.31 -4.90 -15.09
C THR A 54 1.26 -4.90 -14.65
N GLY A 55 2.13 -5.89 -14.72
CA GLY A 55 3.51 -5.72 -14.33
C GLY A 55 4.40 -6.80 -14.91
N SER A 56 5.61 -6.91 -14.38
CA SER A 56 6.61 -7.80 -14.97
C SER A 56 6.40 -9.27 -14.63
N PHE A 57 5.67 -9.59 -13.56
CA PHE A 57 5.39 -10.99 -13.22
C PHE A 57 3.93 -11.27 -12.91
N GLY A 58 3.03 -10.31 -13.08
CA GLY A 58 1.63 -10.59 -12.89
C GLY A 58 0.74 -9.47 -13.39
N ARG A 59 -0.54 -9.56 -13.02
N ARG A 59 -0.55 -9.62 -13.05
CA ARG A 59 -1.53 -8.58 -13.42
CA ARG A 59 -1.63 -8.76 -13.51
C ARG A 59 -2.71 -8.71 -12.48
C ARG A 59 -2.67 -8.69 -12.41
N VAL A 60 -3.56 -7.71 -12.51
CA VAL A 60 -4.78 -7.70 -11.71
C VAL A 60 -5.95 -7.59 -12.66
N MET A 61 -6.94 -8.48 -12.50
N MET A 61 -6.93 -8.47 -12.47
CA MET A 61 -8.10 -8.53 -13.38
CA MET A 61 -8.10 -8.61 -13.32
C MET A 61 -9.39 -8.41 -12.60
C MET A 61 -9.35 -8.28 -12.51
N LEU A 62 -10.33 -7.65 -13.16
CA LEU A 62 -11.69 -7.68 -12.65
C LEU A 62 -12.31 -9.01 -13.07
N VAL A 63 -12.90 -9.72 -12.11
CA VAL A 63 -13.58 -10.98 -12.36
C VAL A 63 -14.94 -10.92 -11.69
N LYS A 64 -15.83 -11.82 -12.10
CA LYS A 64 -17.13 -11.97 -11.49
C LYS A 64 -17.35 -13.43 -11.11
N HIS A 65 -17.71 -13.67 -9.87
CA HIS A 65 -18.04 -15.01 -9.42
C HIS A 65 -19.33 -15.47 -10.08
N LYS A 66 -19.29 -16.65 -10.71
CA LYS A 66 -20.39 -17.09 -11.56
C LYS A 66 -21.63 -17.51 -10.78
N GLU A 67 -21.48 -17.90 -9.53
CA GLU A 67 -22.63 -18.31 -8.73
C GLU A 67 -23.19 -17.18 -7.90
N THR A 68 -22.35 -16.36 -7.28
CA THR A 68 -22.89 -15.28 -6.44
C THR A 68 -23.10 -13.98 -7.20
N GLY A 69 -22.45 -13.81 -8.35
CA GLY A 69 -22.48 -12.55 -9.06
C GLY A 69 -21.60 -11.47 -8.50
N ASN A 70 -20.83 -11.76 -7.46
CA ASN A 70 -19.98 -10.74 -6.88
C ASN A 70 -18.76 -10.46 -7.75
N HIS A 71 -18.35 -9.20 -7.81
CA HIS A 71 -17.11 -8.81 -8.45
C HIS A 71 -15.95 -8.88 -7.48
N TYR A 72 -14.78 -9.18 -8.01
CA TYR A 72 -13.54 -9.22 -7.25
C TYR A 72 -12.41 -8.77 -8.15
N ALA A 73 -11.30 -8.35 -7.52
CA ALA A 73 -10.05 -8.11 -8.21
C ALA A 73 -9.15 -9.31 -8.00
N MET A 74 -8.72 -9.94 -9.06
CA MET A 74 -7.92 -11.15 -9.01
C MET A 74 -6.50 -10.84 -9.44
N LYS A 75 -5.56 -10.94 -8.51
CA LYS A 75 -4.15 -10.79 -8.81
C LYS A 75 -3.62 -12.15 -9.23
N ILE A 76 -2.99 -12.20 -10.40
CA ILE A 76 -2.50 -13.42 -11.00
C ILE A 76 -1.01 -13.27 -11.18
N LEU A 77 -0.23 -14.18 -10.57
CA LEU A 77 1.23 -14.15 -10.66
C LEU A 77 1.70 -15.39 -11.40
N ASP A 78 2.57 -15.20 -12.38
CA ASP A 78 3.13 -16.31 -13.15
C ASP A 78 4.28 -16.90 -12.36
N LYS A 79 4.14 -18.16 -11.95
CA LYS A 79 5.14 -18.77 -11.06
C LYS A 79 6.54 -18.72 -11.66
N GLN A 80 6.67 -19.02 -12.96
CA GLN A 80 7.99 -19.01 -13.57
C GLN A 80 8.63 -17.61 -13.57
N LYS A 81 7.83 -16.57 -13.79
CA LYS A 81 8.39 -15.21 -13.77
C LYS A 81 8.72 -14.77 -12.36
N VAL A 82 7.91 -15.19 -11.39
CA VAL A 82 8.22 -14.92 -9.99
C VAL A 82 9.60 -15.48 -9.64
N VAL A 83 9.85 -16.72 -10.07
CA VAL A 83 11.13 -17.34 -9.81
C VAL A 83 12.26 -16.57 -10.50
N LYS A 84 12.08 -16.27 -11.79
CA LYS A 84 13.12 -15.57 -12.54
C LYS A 84 13.48 -14.22 -11.92
N LEU A 85 12.47 -13.50 -11.41
CA LEU A 85 12.70 -12.19 -10.84
C LEU A 85 12.95 -12.21 -9.34
N LYS A 86 13.20 -13.40 -8.79
CA LYS A 86 13.65 -13.58 -7.40
C LYS A 86 12.61 -13.05 -6.41
N GLN A 87 11.33 -13.32 -6.70
CA GLN A 87 10.23 -12.87 -5.87
C GLN A 87 9.54 -14.02 -5.13
N ILE A 88 10.16 -15.22 -5.03
CA ILE A 88 9.44 -16.33 -4.39
C ILE A 88 9.02 -15.99 -2.96
N GLU A 89 9.99 -15.70 -2.10
CA GLU A 89 9.69 -15.39 -0.71
C GLU A 89 8.73 -14.21 -0.60
N HIS A 90 8.92 -13.19 -1.43
CA HIS A 90 8.03 -12.03 -1.40
C HIS A 90 6.60 -12.41 -1.70
N THR A 91 6.38 -13.29 -2.69
CA THR A 91 5.01 -13.67 -3.01
C THR A 91 4.40 -14.52 -1.90
N LEU A 92 5.21 -15.38 -1.28
CA LEU A 92 4.73 -16.16 -0.14
C LEU A 92 4.39 -15.25 1.04
N ASN A 93 5.22 -14.23 1.30
CA ASN A 93 4.93 -13.21 2.32
C ASN A 93 3.60 -12.55 2.02
N GLU A 94 3.43 -12.09 0.78
CA GLU A 94 2.25 -11.31 0.42
C GLU A 94 0.98 -12.07 0.78
N LYS A 95 0.88 -13.32 0.34
CA LYS A 95 -0.33 -14.08 0.60
C LYS A 95 -0.49 -14.46 2.07
N ARG A 96 0.59 -14.88 2.72
CA ARG A 96 0.47 -15.29 4.11
C ARG A 96 0.07 -14.11 5.00
N ILE A 97 0.61 -12.92 4.73
CA ILE A 97 0.24 -11.73 5.47
C ILE A 97 -1.20 -11.36 5.16
N LEU A 98 -1.55 -11.25 3.87
CA LEU A 98 -2.87 -10.76 3.53
C LEU A 98 -3.98 -11.64 4.08
N GLN A 99 -3.78 -12.96 4.11
CA GLN A 99 -4.82 -13.82 4.64
C GLN A 99 -4.95 -13.71 6.16
N ALA A 100 -3.99 -13.08 6.84
CA ALA A 100 -4.00 -12.99 8.29
C ALA A 100 -4.37 -11.62 8.85
N VAL A 101 -4.35 -10.56 8.05
CA VAL A 101 -4.63 -9.21 8.56
C VAL A 101 -6.10 -8.86 8.48
N ASN A 102 -6.48 -7.84 9.25
N ASN A 102 -6.47 -7.80 9.20
CA ASN A 102 -7.86 -7.35 9.33
CA ASN A 102 -7.85 -7.36 9.28
C ASN A 102 -7.76 -5.92 9.84
C ASN A 102 -7.87 -5.94 9.85
N PHE A 103 -8.05 -4.94 8.99
CA PHE A 103 -8.05 -3.55 9.43
C PHE A 103 -8.87 -2.75 8.44
N PRO A 104 -9.52 -1.65 8.86
CA PRO A 104 -10.48 -0.99 7.96
C PRO A 104 -9.88 -0.44 6.69
N PHE A 105 -8.58 -0.17 6.66
CA PHE A 105 -7.92 0.48 5.52
C PHE A 105 -7.00 -0.47 4.78
N LEU A 106 -7.16 -1.79 4.96
CA LEU A 106 -6.46 -2.81 4.18
C LEU A 106 -7.43 -3.55 3.29
N VAL A 107 -7.07 -3.70 2.01
N VAL A 107 -7.10 -3.67 1.98
CA VAL A 107 -7.90 -4.50 1.13
CA VAL A 107 -7.95 -4.44 1.06
C VAL A 107 -8.07 -5.89 1.70
C VAL A 107 -8.02 -5.88 1.56
N LYS A 108 -9.24 -6.45 1.48
N LYS A 108 -9.23 -6.41 1.60
CA LYS A 108 -9.58 -7.77 1.99
CA LYS A 108 -9.48 -7.76 2.10
C LYS A 108 -9.25 -8.85 0.95
C LYS A 108 -9.28 -8.84 1.03
N LEU A 109 -8.49 -9.85 1.38
CA LEU A 109 -8.30 -11.05 0.57
C LEU A 109 -9.48 -11.98 0.83
N GLU A 110 -10.21 -12.33 -0.21
CA GLU A 110 -11.37 -13.19 -0.10
C GLU A 110 -11.07 -14.67 -0.40
N PHE A 111 -10.20 -14.95 -1.38
CA PHE A 111 -9.84 -16.32 -1.72
C PHE A 111 -8.40 -16.34 -2.20
N SER A 112 -7.78 -17.51 -2.12
CA SER A 112 -6.51 -17.71 -2.81
C SER A 112 -6.44 -19.15 -3.28
N PHE A 113 -5.62 -19.37 -4.31
CA PHE A 113 -5.40 -20.70 -4.86
C PHE A 113 -4.25 -20.61 -5.87
N LYS A 114 -3.82 -21.77 -6.31
CA LYS A 114 -2.78 -21.87 -7.34
C LYS A 114 -3.15 -22.97 -8.32
N ASP A 115 -2.51 -22.97 -9.48
CA ASP A 115 -2.66 -24.04 -10.44
C ASP A 115 -1.29 -24.33 -11.06
N ASN A 116 -1.27 -25.08 -12.15
CA ASN A 116 0.01 -25.48 -12.70
C ASN A 116 0.91 -24.30 -13.02
N SER A 117 0.33 -23.16 -13.42
CA SER A 117 1.13 -22.02 -13.87
C SER A 117 1.17 -20.84 -12.93
N ASN A 118 0.08 -20.52 -12.25
CA ASN A 118 -0.08 -19.23 -11.60
C ASN A 118 -0.45 -19.37 -10.14
N LEU A 119 -0.22 -18.26 -9.43
CA LEU A 119 -0.76 -17.99 -8.10
C LEU A 119 -1.89 -16.98 -8.24
N TYR A 120 -2.93 -17.13 -7.42
CA TYR A 120 -4.10 -16.25 -7.49
C TYR A 120 -4.45 -15.75 -6.10
N MET A 121 -4.65 -14.44 -6.02
CA MET A 121 -5.18 -13.78 -4.83
C MET A 121 -6.41 -12.99 -5.24
N VAL A 122 -7.56 -13.38 -4.72
CA VAL A 122 -8.84 -12.78 -5.09
C VAL A 122 -9.25 -11.84 -3.96
N MET A 123 -9.32 -10.56 -4.26
CA MET A 123 -9.52 -9.49 -3.30
C MET A 123 -10.84 -8.77 -3.56
N GLU A 124 -11.33 -8.08 -2.55
CA GLU A 124 -12.43 -7.16 -2.78
C GLU A 124 -12.05 -6.18 -3.90
N TYR A 125 -12.99 -5.91 -4.79
CA TYR A 125 -12.81 -4.92 -5.85
C TYR A 125 -13.18 -3.54 -5.35
N VAL A 126 -12.28 -2.58 -5.53
CA VAL A 126 -12.45 -1.21 -5.06
C VAL A 126 -12.62 -0.34 -6.30
N PRO A 127 -13.85 0.06 -6.66
N PRO A 127 -13.85 0.01 -6.72
CA PRO A 127 -14.10 0.64 -7.98
CA PRO A 127 -14.03 0.62 -8.05
C PRO A 127 -13.67 2.09 -8.13
C PRO A 127 -13.54 2.06 -8.16
N GLY A 128 -13.24 2.74 -7.05
CA GLY A 128 -12.80 4.12 -7.14
C GLY A 128 -11.45 4.31 -7.77
N GLY A 129 -10.67 3.27 -7.92
CA GLY A 129 -9.36 3.39 -8.53
C GLY A 129 -8.28 3.82 -7.56
N GLU A 130 -7.10 4.00 -8.12
CA GLU A 130 -5.92 4.36 -7.36
C GLU A 130 -5.86 5.85 -7.04
N MET A 131 -5.36 6.16 -5.84
N MET A 131 -5.36 6.17 -5.85
CA MET A 131 -5.15 7.55 -5.48
CA MET A 131 -5.20 7.57 -5.49
C MET A 131 -4.32 8.26 -6.52
C MET A 131 -4.26 8.29 -6.47
N PHE A 132 -3.33 7.55 -7.08
CA PHE A 132 -2.47 8.13 -8.11
C PHE A 132 -3.25 8.84 -9.20
N SER A 133 -4.29 8.19 -9.75
N SER A 133 -4.31 8.20 -9.73
CA SER A 133 -5.07 8.79 -10.82
CA SER A 133 -5.04 8.81 -10.85
C SER A 133 -5.72 10.07 -10.34
C SER A 133 -5.80 10.06 -10.39
N HIS A 134 -6.36 10.02 -9.17
CA HIS A 134 -7.05 11.20 -8.65
C HIS A 134 -6.09 12.35 -8.37
N LEU A 135 -4.94 12.04 -7.80
CA LEU A 135 -3.94 13.06 -7.51
C LEU A 135 -3.45 13.72 -8.80
N ARG A 136 -3.13 12.91 -9.81
N ARG A 136 -3.14 12.91 -9.80
CA ARG A 136 -2.65 13.48 -11.06
CA ARG A 136 -2.61 13.46 -11.05
C ARG A 136 -3.75 14.27 -11.75
C ARG A 136 -3.69 14.23 -11.81
N ARG A 137 -5.00 13.82 -11.64
N ARG A 137 -4.96 13.83 -11.67
CA ARG A 137 -6.12 14.54 -12.26
CA ARG A 137 -6.04 14.57 -12.32
C ARG A 137 -6.39 15.88 -11.60
C ARG A 137 -6.18 15.97 -11.72
N ILE A 138 -6.34 15.93 -10.26
N ILE A 138 -6.32 16.07 -10.40
CA ILE A 138 -6.63 17.16 -9.53
CA ILE A 138 -6.60 17.34 -9.75
C ILE A 138 -5.40 18.10 -9.57
C ILE A 138 -5.36 18.14 -9.41
N GLY A 139 -4.18 17.53 -9.53
CA GLY A 139 -2.96 18.28 -9.42
C GLY A 139 -2.33 18.07 -8.05
N ARG A 140 -2.96 18.63 -7.02
N ARG A 140 -2.98 18.59 -7.01
CA ARG A 140 -2.54 18.38 -5.66
CA ARG A 140 -2.51 18.41 -5.65
C ARG A 140 -3.78 18.35 -4.79
C ARG A 140 -3.71 18.49 -4.72
N PHE A 141 -3.63 17.77 -3.61
CA PHE A 141 -4.67 17.77 -2.60
C PHE A 141 -4.44 18.92 -1.62
N SEP A 142 -5.52 19.53 -1.15
CA SEP A 142 -5.38 20.50 -0.06
CB SEP A 142 -6.73 21.12 0.24
OG SEP A 142 -7.60 20.13 0.84
C SEP A 142 -4.84 19.81 1.19
O SEP A 142 -4.87 18.58 1.30
P SEP A 142 -9.16 20.49 1.02
O1P SEP A 142 -9.64 20.65 -0.47
O2P SEP A 142 -9.81 19.24 1.69
O3P SEP A 142 -9.32 21.79 1.78
H SEP A 142 -6.32 19.42 -1.43
HA SEP A 142 -4.76 21.21 -0.32
HB2 SEP A 142 -7.14 21.44 -0.58
HB3 SEP A 142 -6.61 21.87 0.86
N GLU A 143 -4.35 20.58 2.15
CA GLU A 143 -3.83 19.95 3.37
C GLU A 143 -4.89 19.13 4.11
N PRO A 144 -6.13 19.62 4.25
CA PRO A 144 -7.13 18.76 4.90
C PRO A 144 -7.34 17.43 4.18
N HIS A 145 -7.34 17.47 2.86
CA HIS A 145 -7.55 16.28 2.06
C HIS A 145 -6.37 15.31 2.21
N ALA A 146 -5.15 15.82 2.08
CA ALA A 146 -3.97 15.00 2.32
C ALA A 146 -3.96 14.44 3.73
N ARG A 147 -4.36 15.25 4.71
CA ARG A 147 -4.37 14.84 6.11
C ARG A 147 -5.34 13.71 6.39
N PHE A 148 -6.52 13.75 5.75
CA PHE A 148 -7.49 12.66 5.87
C PHE A 148 -6.89 11.33 5.43
N TYR A 149 -6.21 11.32 4.29
CA TYR A 149 -5.56 10.09 3.83
C TYR A 149 -4.38 9.73 4.71
N ALA A 150 -3.56 10.72 5.08
CA ALA A 150 -2.39 10.45 5.91
C ALA A 150 -2.79 9.80 7.23
N ALA A 151 -3.88 10.29 7.85
CA ALA A 151 -4.30 9.73 9.12
C ALA A 151 -4.61 8.25 8.99
N GLN A 152 -5.23 7.86 7.88
CA GLN A 152 -5.52 6.45 7.65
C GLN A 152 -4.24 5.63 7.53
N ILE A 153 -3.23 6.17 6.85
CA ILE A 153 -1.96 5.47 6.76
C ILE A 153 -1.27 5.38 8.12
N VAL A 154 -1.32 6.45 8.92
CA VAL A 154 -0.72 6.40 10.25
C VAL A 154 -1.34 5.26 11.07
N LEU A 155 -2.68 5.18 11.07
CA LEU A 155 -3.34 4.11 11.82
C LEU A 155 -3.00 2.74 11.25
N THR A 156 -2.95 2.63 9.93
CA THR A 156 -2.64 1.35 9.29
C THR A 156 -1.23 0.90 9.64
N PHE A 157 -0.27 1.82 9.65
CA PHE A 157 1.09 1.47 10.03
C PHE A 157 1.19 1.16 11.52
N GLU A 158 0.45 1.86 12.37
CA GLU A 158 0.41 1.50 13.78
C GLU A 158 -0.03 0.04 13.94
N TYR A 159 -1.11 -0.33 13.23
CA TYR A 159 -1.58 -1.71 13.22
C TYR A 159 -0.50 -2.67 12.68
N LEU A 160 0.00 -2.43 11.46
CA LEU A 160 0.94 -3.36 10.86
C LEU A 160 2.19 -3.50 11.70
N HIS A 161 2.77 -2.38 12.14
CA HIS A 161 4.01 -2.45 12.89
C HIS A 161 3.83 -3.17 14.21
N SER A 162 2.65 -3.08 14.82
CA SER A 162 2.42 -3.79 16.08
C SER A 162 2.44 -5.29 15.88
N LEU A 163 2.15 -5.75 14.67
CA LEU A 163 2.19 -7.17 14.29
C LEU A 163 3.56 -7.58 13.79
N ASP A 164 4.55 -6.70 13.90
CA ASP A 164 5.90 -6.93 13.40
C ASP A 164 5.94 -6.99 11.88
N LEU A 165 5.04 -6.29 11.21
CA LEU A 165 5.00 -6.24 9.75
C LEU A 165 5.53 -4.90 9.26
N ILE A 166 6.38 -4.95 8.24
CA ILE A 166 6.83 -3.76 7.52
C ILE A 166 6.16 -3.82 6.15
N TYR A 167 5.63 -2.69 5.67
CA TYR A 167 4.87 -2.67 4.42
C TYR A 167 5.74 -2.52 3.18
N ARG A 168 6.60 -1.50 3.17
CA ARG A 168 7.69 -1.36 2.19
C ARG A 168 7.24 -1.03 0.77
N ASP A 169 6.00 -0.64 0.52
CA ASP A 169 5.65 -0.21 -0.82
C ASP A 169 4.65 0.92 -0.80
N LEU A 170 4.74 1.85 0.17
CA LEU A 170 3.81 2.96 0.17
C LEU A 170 4.07 3.90 -1.01
N LYS A 171 3.02 4.18 -1.77
CA LYS A 171 3.03 5.09 -2.91
C LYS A 171 1.59 5.24 -3.37
N PRO A 172 1.25 6.34 -4.09
CA PRO A 172 -0.15 6.57 -4.44
C PRO A 172 -0.80 5.48 -5.26
N GLU A 173 -0.02 4.75 -6.07
CA GLU A 173 -0.62 3.68 -6.88
C GLU A 173 -1.17 2.54 -6.04
N ASN A 174 -0.69 2.38 -4.81
CA ASN A 174 -1.11 1.27 -3.98
C ASN A 174 -2.22 1.61 -3.02
N LEU A 175 -2.79 2.80 -3.14
CA LEU A 175 -3.83 3.28 -2.24
C LEU A 175 -5.11 3.43 -3.05
N LEU A 176 -6.04 2.52 -2.87
CA LEU A 176 -7.29 2.57 -3.62
C LEU A 176 -8.29 3.40 -2.83
N ILE A 177 -9.19 4.06 -3.57
N ILE A 177 -9.19 4.08 -3.55
CA ILE A 177 -10.22 4.92 -2.99
CA ILE A 177 -10.20 4.94 -2.93
C ILE A 177 -11.54 4.17 -3.09
C ILE A 177 -11.57 4.27 -3.06
N ASP A 178 -12.17 3.93 -1.93
CA ASP A 178 -13.38 3.14 -1.89
C ASP A 178 -14.64 3.98 -2.03
N GLN A 179 -15.79 3.30 -1.97
CA GLN A 179 -17.07 3.92 -2.23
C GLN A 179 -17.43 5.00 -1.21
N GLN A 180 -16.80 5.00 -0.04
CA GLN A 180 -16.98 6.04 0.96
C GLN A 180 -15.89 7.10 0.89
N GLY A 181 -14.96 6.99 -0.05
CA GLY A 181 -13.84 7.90 -0.14
C GLY A 181 -12.67 7.61 0.78
N TYR A 182 -12.68 6.47 1.44
CA TYR A 182 -11.59 6.05 2.31
C TYR A 182 -10.57 5.20 1.54
N ILE A 183 -9.39 5.05 2.13
N ILE A 183 -9.38 5.11 2.11
CA ILE A 183 -8.29 4.29 1.52
CA ILE A 183 -8.26 4.36 1.55
C ILE A 183 -8.43 2.80 1.81
C ILE A 183 -8.43 2.88 1.83
N GLN A 184 -8.11 2.01 0.80
N GLN A 184 -8.00 2.08 0.87
CA GLN A 184 -7.78 0.58 0.94
CA GLN A 184 -7.73 0.67 1.11
C GLN A 184 -6.36 0.39 0.42
C GLN A 184 -6.40 0.32 0.45
N VAL A 185 -5.43 -0.01 1.29
CA VAL A 185 -4.08 -0.30 0.86
C VAL A 185 -4.08 -1.65 0.19
N THR A 186 -3.47 -1.71 -0.98
CA THR A 186 -3.28 -2.95 -1.68
C THR A 186 -1.81 -3.13 -1.99
N ASP A 187 -1.49 -4.31 -2.50
CA ASP A 187 -0.17 -4.70 -2.92
C ASP A 187 0.74 -4.91 -1.72
N PHE A 188 0.70 -6.12 -1.20
CA PHE A 188 1.57 -6.56 -0.12
C PHE A 188 2.79 -7.33 -0.65
N GLY A 189 3.14 -7.09 -1.92
CA GLY A 189 4.24 -7.80 -2.54
C GLY A 189 5.58 -7.64 -1.87
N PHE A 190 5.81 -6.54 -1.16
CA PHE A 190 7.05 -6.33 -0.42
C PHE A 190 6.85 -6.40 1.09
N ALA A 191 5.65 -6.68 1.57
CA ALA A 191 5.42 -6.69 3.01
C ALA A 191 6.08 -7.89 3.63
N LYS A 192 6.56 -7.75 4.86
CA LYS A 192 7.31 -8.83 5.50
C LYS A 192 7.14 -8.78 7.01
N ARG A 193 7.07 -9.95 7.62
CA ARG A 193 7.11 -10.02 9.06
C ARG A 193 8.57 -10.04 9.50
N VAL A 194 8.95 -9.03 10.30
CA VAL A 194 10.34 -8.69 10.64
C VAL A 194 10.35 -8.31 12.12
N LYS A 195 11.08 -9.08 12.93
CA LYS A 195 11.46 -8.66 14.27
C LYS A 195 12.89 -8.16 14.15
N GLY A 196 13.06 -6.85 14.24
CA GLY A 196 14.36 -6.25 14.10
C GLY A 196 14.57 -5.75 12.70
N ARG A 197 15.62 -6.22 12.08
CA ARG A 197 16.08 -5.65 10.82
C ARG A 197 15.84 -6.61 9.66
N THR A 198 15.82 -6.05 8.47
CA THR A 198 15.78 -6.79 7.23
C THR A 198 16.66 -6.05 6.22
N TRP A 199 16.97 -6.71 5.10
CA TRP A 199 18.02 -6.21 4.21
C TRP A 199 17.67 -6.08 2.72
N TPO A 200 16.51 -6.55 2.27
CA TPO A 200 16.28 -6.61 0.83
CB TPO A 200 15.04 -7.46 0.50
CG2 TPO A 200 14.94 -7.70 -1.00
OG1 TPO A 200 15.16 -8.71 1.15
P TPO A 200 14.05 -9.00 2.25
O1P TPO A 200 14.49 -10.35 2.94
O2P TPO A 200 12.70 -9.09 1.62
O3P TPO A 200 14.12 -7.83 3.28
C TPO A 200 16.11 -5.24 0.20
O TPO A 200 15.34 -4.41 0.70
H TPO A 200 15.85 -6.83 2.76
HA TPO A 200 17.05 -7.05 0.40
HB TPO A 200 14.14 -6.95 0.85
HG21 TPO A 200 14.07 -8.31 -1.21
HG22 TPO A 200 15.84 -8.23 -1.34
HG23 TPO A 200 14.87 -6.75 -1.52
N LEU A 201 16.77 -5.02 -0.92
CA LEU A 201 16.54 -3.83 -1.71
C LEU A 201 15.21 -3.98 -2.44
N CYS A 202 14.21 -3.23 -2.02
CA CYS A 202 12.92 -3.27 -2.69
C CYS A 202 12.19 -1.99 -2.36
N GLY A 203 11.28 -1.61 -3.26
N GLY A 203 11.08 -1.78 -3.04
CA GLY A 203 10.56 -0.35 -3.16
CA GLY A 203 10.34 -0.56 -2.96
C GLY A 203 10.74 0.56 -4.36
C GLY A 203 10.31 0.10 -4.31
N THR A 204 9.80 1.45 -4.57
N THR A 204 10.15 1.43 -4.29
CA THR A 204 9.91 2.34 -5.71
CA THR A 204 10.01 2.24 -5.50
C THR A 204 10.93 3.44 -5.40
C THR A 204 10.94 3.44 -5.35
N PRO A 205 11.76 3.79 -6.38
CA PRO A 205 12.86 4.74 -6.11
C PRO A 205 12.53 6.01 -5.34
N GLU A 206 11.48 6.71 -5.73
N GLU A 206 11.45 6.69 -5.74
CA GLU A 206 11.17 7.99 -5.11
CA GLU A 206 11.10 7.95 -5.15
C GLU A 206 10.80 7.85 -3.63
C GLU A 206 10.80 7.84 -3.65
N TYR A 207 10.42 6.64 -3.20
N TYR A 207 10.41 6.66 -3.19
CA TYR A 207 9.91 6.41 -1.86
CA TYR A 207 9.94 6.46 -1.82
C TYR A 207 10.92 5.73 -0.93
C TYR A 207 10.94 5.77 -0.92
N LEU A 208 12.11 5.38 -1.44
CA LEU A 208 13.08 4.63 -0.64
C LEU A 208 13.73 5.50 0.43
N ALA A 209 13.80 4.99 1.65
CA ALA A 209 14.54 5.65 2.71
C ALA A 209 16.05 5.54 2.45
N PRO A 210 16.83 6.50 2.99
CA PRO A 210 18.28 6.43 2.78
C PRO A 210 18.90 5.12 3.19
N GLU A 211 18.45 4.52 4.29
CA GLU A 211 19.10 3.32 4.78
C GLU A 211 18.86 2.13 3.84
N ILE A 212 17.78 2.15 3.05
CA ILE A 212 17.62 1.13 2.00
C ILE A 212 18.62 1.37 0.89
N ILE A 213 18.74 2.61 0.43
CA ILE A 213 19.67 2.97 -0.63
C ILE A 213 21.09 2.60 -0.26
N LEU A 214 21.45 2.80 1.00
CA LEU A 214 22.80 2.58 1.49
C LEU A 214 23.03 1.14 1.97
N SER A 215 22.09 0.22 1.70
N SER A 215 22.07 0.23 1.73
CA SER A 215 22.29 -1.22 1.91
CA SER A 215 22.26 -1.20 1.91
C SER A 215 22.48 -1.58 3.39
C SER A 215 22.46 -1.58 3.37
N LYS A 216 21.80 -0.89 4.28
CA LYS A 216 21.85 -1.18 5.70
C LYS A 216 20.80 -2.21 6.07
N GLY A 217 20.96 -2.77 7.27
CA GLY A 217 19.89 -3.49 7.92
C GLY A 217 18.88 -2.50 8.45
N TYR A 218 17.67 -2.50 7.90
CA TYR A 218 16.71 -1.45 8.19
C TYR A 218 15.47 -2.04 8.85
N ASN A 219 14.61 -1.17 9.34
N ASN A 219 14.63 -1.15 9.37
CA ASN A 219 13.47 -1.59 10.14
CA ASN A 219 13.47 -1.56 10.16
C ASN A 219 12.25 -0.77 9.72
C ASN A 219 12.23 -0.78 9.71
N LYS A 220 11.20 -0.81 10.56
CA LYS A 220 9.92 -0.16 10.25
C LYS A 220 10.04 1.34 10.03
N ALA A 221 11.14 1.96 10.42
CA ALA A 221 11.32 3.37 10.16
C ALA A 221 11.25 3.70 8.68
N VAL A 222 11.52 2.74 7.80
CA VAL A 222 11.42 3.01 6.36
C VAL A 222 10.00 3.34 5.96
N ASP A 223 9.01 2.74 6.61
CA ASP A 223 7.62 3.05 6.31
C ASP A 223 7.29 4.50 6.70
N TRP A 224 7.82 4.97 7.83
CA TRP A 224 7.57 6.35 8.26
C TRP A 224 8.23 7.36 7.33
N TRP A 225 9.42 7.05 6.82
CA TRP A 225 10.03 7.87 5.78
C TRP A 225 9.10 7.94 4.57
N ALA A 226 8.64 6.78 4.10
CA ALA A 226 7.76 6.76 2.94
C ALA A 226 6.48 7.55 3.17
N LEU A 227 5.96 7.55 4.40
CA LEU A 227 4.80 8.39 4.69
C LEU A 227 5.14 9.87 4.47
N GLY A 228 6.34 10.30 4.88
CA GLY A 228 6.75 11.65 4.59
C GLY A 228 6.74 11.96 3.10
N VAL A 229 7.26 11.02 2.30
CA VAL A 229 7.26 11.21 0.86
C VAL A 229 5.83 11.32 0.35
N LEU A 230 4.94 10.43 0.82
CA LEU A 230 3.56 10.42 0.36
C LEU A 230 2.85 11.72 0.72
N ILE A 231 3.00 12.19 1.97
CA ILE A 231 2.34 13.41 2.37
C ILE A 231 2.85 14.57 1.52
N TYR A 232 4.16 14.67 1.33
CA TYR A 232 4.70 15.71 0.47
C TYR A 232 4.07 15.64 -0.92
N GLU A 233 4.06 14.44 -1.51
CA GLU A 233 3.53 14.29 -2.87
C GLU A 233 2.06 14.64 -2.95
N MET A 234 1.27 14.21 -1.97
CA MET A 234 -0.15 14.55 -1.96
C MET A 234 -0.34 16.07 -1.90
N ALA A 235 0.44 16.76 -1.07
CA ALA A 235 0.21 18.18 -0.85
C ALA A 235 0.85 19.05 -1.92
N ALA A 236 1.92 18.58 -2.57
CA ALA A 236 2.62 19.36 -3.59
C ALA A 236 2.18 18.99 -5.00
N GLY A 237 1.86 17.74 -5.23
CA GLY A 237 1.56 17.19 -6.54
C GLY A 237 2.71 16.46 -7.17
N TYR A 238 3.88 16.43 -6.54
CA TYR A 238 5.07 15.78 -7.04
C TYR A 238 5.87 15.37 -5.81
N PRO A 239 6.70 14.35 -5.91
CA PRO A 239 7.44 13.90 -4.73
C PRO A 239 8.66 14.77 -4.46
N PRO A 240 9.21 14.70 -3.24
CA PRO A 240 10.27 15.61 -2.84
C PRO A 240 11.61 15.38 -3.53
N PHE A 241 11.90 14.19 -4.06
N PHE A 241 11.89 14.13 -3.87
CA PHE A 241 13.26 13.89 -4.54
CA PHE A 241 13.13 13.70 -4.53
C PHE A 241 13.38 13.55 -6.04
C PHE A 241 12.75 13.11 -5.89
N PHE A 242 12.63 14.22 -6.92
N PHE A 242 12.98 13.85 -6.94
CA PHE A 242 12.45 13.83 -8.33
CA PHE A 242 12.66 13.31 -8.24
C PHE A 242 13.77 13.84 -9.14
C PHE A 242 13.69 13.80 -9.20
N ALA A 243 13.88 12.98 -10.19
CA ALA A 243 14.91 13.13 -11.20
C ALA A 243 14.67 12.12 -12.30
N ASP A 244 15.43 12.24 -13.38
N ASP A 244 15.39 12.25 -13.41
CA ASP A 244 15.21 11.42 -14.57
CA ASP A 244 15.14 11.35 -14.53
C ASP A 244 15.81 10.03 -14.44
C ASP A 244 15.74 9.96 -14.33
N GLN A 245 16.86 9.86 -13.62
CA GLN A 245 17.48 8.57 -13.39
C GLN A 245 17.39 8.23 -11.92
N PRO A 246 17.15 6.96 -11.57
CA PRO A 246 17.17 6.58 -10.14
C PRO A 246 18.42 7.05 -9.40
N ILE A 247 19.61 6.94 -10.00
CA ILE A 247 20.80 7.32 -9.27
C ILE A 247 20.73 8.78 -8.81
N GLN A 248 20.18 9.65 -9.66
N GLN A 248 20.18 9.65 -9.66
CA GLN A 248 20.04 11.05 -9.27
CA GLN A 248 20.03 11.05 -9.28
C GLN A 248 18.97 11.24 -8.18
C GLN A 248 19.00 11.22 -8.17
N ILE A 249 17.92 10.43 -8.20
CA ILE A 249 16.95 10.44 -7.10
C ILE A 249 17.65 10.05 -5.79
N TYR A 250 18.45 8.98 -5.85
CA TYR A 250 19.10 8.47 -4.65
C TYR A 250 20.06 9.48 -4.04
N GLU A 251 20.79 10.21 -4.89
CA GLU A 251 21.67 11.25 -4.37
C GLU A 251 20.88 12.30 -3.60
N LYS A 252 19.71 12.68 -4.10
CA LYS A 252 18.90 13.67 -3.41
C LYS A 252 18.39 13.12 -2.08
N ILE A 253 17.92 11.87 -2.09
CA ILE A 253 17.40 11.27 -0.88
C ILE A 253 18.44 11.26 0.22
N VAL A 254 19.66 10.84 -0.09
CA VAL A 254 20.63 10.69 0.98
C VAL A 254 21.22 12.02 1.44
N SER A 255 20.98 13.11 0.70
CA SER A 255 21.66 14.39 0.94
C SER A 255 21.28 15.08 2.26
N GLY A 256 20.09 14.84 2.79
CA GLY A 256 19.62 15.54 3.96
C GLY A 256 18.96 16.85 3.67
N LYS A 257 18.74 17.18 2.38
CA LYS A 257 18.12 18.43 1.93
C LYS A 257 16.76 18.15 1.30
N VAL A 258 15.78 18.97 1.62
CA VAL A 258 14.47 18.94 0.96
C VAL A 258 13.99 20.37 0.86
N ARG A 259 13.34 20.72 -0.24
CA ARG A 259 12.76 22.04 -0.41
C ARG A 259 11.25 21.89 -0.41
N PHE A 260 10.59 22.82 0.21
CA PHE A 260 9.14 22.81 0.35
C PHE A 260 8.52 23.94 -0.46
N PRO A 261 7.39 23.70 -1.10
CA PRO A 261 6.64 24.79 -1.73
C PRO A 261 6.23 25.82 -0.69
N SER A 262 6.23 27.10 -1.09
N SER A 262 6.22 27.10 -1.12
CA SER A 262 5.82 28.13 -0.14
CA SER A 262 5.78 28.19 -0.25
C SER A 262 4.37 27.98 0.31
C SER A 262 4.39 27.92 0.32
N HIS A 263 3.51 27.30 -0.46
CA HIS A 263 2.14 27.13 -0.01
C HIS A 263 2.00 26.16 1.14
N PHE A 264 3.00 25.33 1.43
CA PHE A 264 2.92 24.44 2.57
C PHE A 264 2.82 25.24 3.86
N SER A 265 1.98 24.80 4.77
CA SER A 265 1.92 25.40 6.10
C SER A 265 3.20 25.12 6.87
N SER A 266 3.46 25.96 7.88
CA SER A 266 4.60 25.70 8.75
C SER A 266 4.49 24.35 9.46
N ASP A 267 3.29 23.99 9.91
CA ASP A 267 3.10 22.71 10.58
C ASP A 267 3.41 21.54 9.64
N LEU A 268 2.99 21.64 8.39
CA LEU A 268 3.30 20.58 7.42
C LEU A 268 4.79 20.45 7.24
N LYS A 269 5.49 21.58 7.03
N LYS A 269 5.48 21.59 7.03
CA LYS A 269 6.93 21.51 6.87
CA LYS A 269 6.93 21.54 6.87
C LYS A 269 7.60 20.87 8.08
C LYS A 269 7.60 20.89 8.07
N ASP A 270 7.17 21.25 9.28
CA ASP A 270 7.79 20.68 10.48
C ASP A 270 7.59 19.18 10.55
N LEU A 271 6.37 18.70 10.29
CA LEU A 271 6.14 17.26 10.31
C LEU A 271 7.03 16.58 9.28
N LEU A 272 7.08 17.13 8.07
CA LEU A 272 7.85 16.49 7.02
C LEU A 272 9.34 16.48 7.32
N ARG A 273 9.90 17.51 7.95
CA ARG A 273 11.30 17.44 8.32
C ARG A 273 11.57 16.28 9.28
N ASN A 274 10.61 15.95 10.13
CA ASN A 274 10.78 14.87 11.10
C ASN A 274 10.48 13.48 10.52
N LEU A 275 9.65 13.38 9.49
CA LEU A 275 9.48 12.11 8.79
C LEU A 275 10.60 11.87 7.79
N LEU A 276 10.99 12.89 7.04
CA LEU A 276 12.08 12.85 6.06
C LEU A 276 13.41 13.14 6.71
N GLN A 277 13.60 12.57 7.88
CA GLN A 277 14.81 12.66 8.66
C GLN A 277 15.76 11.55 8.19
N VAL A 278 16.92 11.93 7.64
N VAL A 278 16.91 11.94 7.62
CA VAL A 278 17.83 10.93 7.10
CA VAL A 278 17.86 10.95 7.11
C VAL A 278 18.48 10.07 8.17
C VAL A 278 18.32 10.01 8.23
N ASP A 279 18.58 10.54 9.42
CA ASP A 279 19.08 9.72 10.53
C ASP A 279 17.90 8.94 11.08
N LEU A 280 17.87 7.64 10.81
CA LEU A 280 16.71 6.84 11.18
C LEU A 280 16.50 6.84 12.69
N THR A 281 17.57 7.07 13.48
CA THR A 281 17.44 7.07 14.93
C THR A 281 16.78 8.33 15.45
N LYS A 282 16.55 9.33 14.58
CA LYS A 282 15.90 10.58 14.94
C LYS A 282 14.57 10.78 14.23
N ARG A 283 14.12 9.79 13.48
CA ARG A 283 12.94 9.95 12.63
C ARG A 283 11.66 9.67 13.41
N PHE A 284 10.66 10.55 13.21
CA PHE A 284 9.37 10.33 13.81
C PHE A 284 8.80 8.98 13.38
N GLY A 285 8.17 8.31 14.35
CA GLY A 285 7.71 6.96 14.21
C GLY A 285 8.70 5.95 14.74
N ASN A 286 9.96 6.35 14.89
CA ASN A 286 11.02 5.44 15.34
C ASN A 286 11.67 5.89 16.64
N LEU A 287 11.04 6.81 17.37
CA LEU A 287 11.54 7.27 18.64
C LEU A 287 10.82 6.56 19.79
N LYS A 288 11.19 6.91 21.02
CA LYS A 288 10.65 6.21 22.18
C LYS A 288 9.13 6.34 22.27
N ASN A 289 8.59 7.48 21.82
N ASN A 289 8.57 7.47 21.81
CA ASN A 289 7.15 7.70 21.83
CA ASN A 289 7.12 7.64 21.84
C ASN A 289 6.44 7.04 20.64
C ASN A 289 6.45 7.11 20.59
N GLY A 290 7.20 6.47 19.70
CA GLY A 290 6.59 5.76 18.58
C GLY A 290 5.65 6.60 17.77
N VAL A 291 4.49 6.01 17.44
CA VAL A 291 3.54 6.68 16.56
C VAL A 291 2.96 7.93 17.18
N ASN A 292 3.02 8.05 18.50
CA ASN A 292 2.38 9.20 19.13
C ASN A 292 3.07 10.51 18.83
N ASP A 293 4.36 10.47 18.48
CA ASP A 293 4.98 11.72 18.04
C ASP A 293 4.32 12.25 16.77
N ILE A 294 3.83 11.36 15.92
CA ILE A 294 3.10 11.75 14.71
C ILE A 294 1.68 12.14 15.07
N LYS A 295 0.96 11.30 15.81
N LYS A 295 0.98 11.30 15.83
CA LYS A 295 -0.44 11.57 16.10
CA LYS A 295 -0.44 11.53 16.08
C LYS A 295 -0.62 12.90 16.79
C LYS A 295 -0.67 12.81 16.88
N ASN A 296 0.32 13.23 17.69
CA ASN A 296 0.20 14.44 18.51
C ASN A 296 0.83 15.66 17.85
N HIS A 297 1.36 15.54 16.63
CA HIS A 297 1.94 16.68 15.97
C HIS A 297 0.86 17.70 15.63
N LYS A 298 1.21 18.99 15.67
N LYS A 298 1.23 18.98 15.68
CA LYS A 298 0.23 20.03 15.39
CA LYS A 298 0.32 20.07 15.36
C LYS A 298 -0.42 19.88 14.01
C LYS A 298 -0.39 19.90 14.01
N TRP A 299 0.28 19.32 13.01
CA TRP A 299 -0.39 19.17 11.71
C TRP A 299 -1.62 18.31 11.82
N PHE A 300 -1.65 17.38 12.78
CA PHE A 300 -2.78 16.51 12.99
C PHE A 300 -3.72 16.99 14.10
N ALA A 301 -3.60 18.25 14.54
CA ALA A 301 -4.42 18.69 15.67
C ALA A 301 -5.92 18.58 15.42
N THR A 302 -6.37 18.73 14.19
CA THR A 302 -7.79 18.66 13.87
C THR A 302 -8.27 17.24 13.63
N THR A 303 -7.39 16.24 13.72
CA THR A 303 -7.76 14.87 13.41
C THR A 303 -8.33 14.17 14.64
N ASP A 304 -9.51 13.59 14.47
CA ASP A 304 -10.15 12.77 15.48
C ASP A 304 -9.81 11.33 15.07
N TRP A 305 -8.80 10.76 15.74
CA TRP A 305 -8.26 9.47 15.32
C TRP A 305 -9.31 8.36 15.39
N ILE A 306 -10.12 8.36 16.46
CA ILE A 306 -11.15 7.34 16.60
C ILE A 306 -12.20 7.47 15.50
N ALA A 307 -12.64 8.71 15.20
CA ALA A 307 -13.64 8.90 14.16
C ALA A 307 -13.11 8.45 12.81
N ILE A 308 -11.82 8.68 12.53
CA ILE A 308 -11.23 8.17 11.28
C ILE A 308 -11.31 6.64 11.28
N TYR A 309 -10.84 6.00 12.34
CA TYR A 309 -10.88 4.54 12.42
C TYR A 309 -12.28 4.00 12.21
N GLN A 310 -13.28 4.65 12.81
CA GLN A 310 -14.67 4.21 12.72
C GLN A 310 -15.33 4.63 11.41
N ARG A 311 -14.59 5.31 10.54
N ARG A 311 -14.61 5.30 10.51
CA ARG A 311 -15.11 5.78 9.26
CA ARG A 311 -15.15 5.73 9.23
C ARG A 311 -16.34 6.65 9.45
C ARG A 311 -16.31 6.71 9.38
N LYS A 312 -16.26 7.55 10.42
CA LYS A 312 -17.34 8.49 10.71
C LYS A 312 -17.10 9.88 10.13
N VAL A 313 -15.91 10.14 9.64
CA VAL A 313 -15.59 11.43 9.04
C VAL A 313 -16.05 11.42 7.58
N GLU A 314 -16.74 12.48 7.15
CA GLU A 314 -17.08 12.59 5.74
C GLU A 314 -15.82 12.80 4.90
N ALA A 315 -15.68 12.03 3.84
CA ALA A 315 -14.46 12.06 3.05
C ALA A 315 -14.36 13.30 2.16
N PRO A 316 -13.13 13.65 1.76
CA PRO A 316 -12.93 14.78 0.84
C PRO A 316 -13.65 14.61 -0.48
N PHE A 317 -13.61 13.44 -1.08
N PHE A 317 -13.88 13.37 -0.90
CA PHE A 317 -14.50 13.19 -2.20
CA PHE A 317 -14.08 13.07 -2.31
C PHE A 317 -14.80 11.72 -2.25
C PHE A 317 -14.63 11.65 -2.46
N ILE A 318 -15.83 11.46 -3.02
CA ILE A 318 -16.36 10.14 -3.32
C ILE A 318 -16.06 9.91 -4.79
N PRO A 319 -15.40 8.83 -5.14
N PRO A 319 -15.31 8.88 -5.14
CA PRO A 319 -15.08 8.59 -6.55
CA PRO A 319 -15.08 8.64 -6.56
C PRO A 319 -16.34 8.35 -7.36
C PRO A 319 -16.38 8.50 -7.31
N LYS A 320 -16.34 8.86 -8.58
CA LYS A 320 -17.49 8.69 -9.46
C LYS A 320 -17.43 7.34 -10.15
N PHE A 321 -18.47 6.53 -9.95
CA PHE A 321 -18.53 5.24 -10.61
C PHE A 321 -19.99 4.81 -10.57
N LYS A 322 -20.35 3.90 -11.48
CA LYS A 322 -21.73 3.57 -11.72
C LYS A 322 -22.22 2.35 -10.95
N GLY A 323 -21.31 1.53 -10.41
CA GLY A 323 -21.70 0.34 -9.72
C GLY A 323 -20.49 -0.55 -9.53
N PRO A 324 -20.68 -1.69 -8.89
CA PRO A 324 -19.55 -2.54 -8.50
C PRO A 324 -18.83 -3.18 -9.65
N GLY A 325 -19.37 -3.14 -10.87
CA GLY A 325 -18.66 -3.62 -12.03
C GLY A 325 -18.05 -2.54 -12.87
N ASP A 326 -18.12 -1.28 -12.46
N ASP A 326 -18.12 -1.27 -12.44
CA ASP A 326 -17.63 -0.20 -13.30
CA ASP A 326 -17.60 -0.15 -13.19
C ASP A 326 -16.11 -0.14 -13.20
C ASP A 326 -16.07 -0.16 -13.17
N THR A 327 -15.44 -0.13 -14.35
CA THR A 327 -13.99 -0.09 -14.45
C THR A 327 -13.47 1.28 -14.91
N SER A 328 -14.33 2.30 -14.95
N SER A 328 -14.32 2.31 -14.94
CA SER A 328 -13.96 3.59 -15.54
CA SER A 328 -13.95 3.59 -15.55
C SER A 328 -12.75 4.24 -14.84
C SER A 328 -12.84 4.33 -14.81
N ASN A 329 -12.57 4.00 -13.55
CA ASN A 329 -11.48 4.64 -12.82
C ASN A 329 -10.16 3.92 -12.97
N PHE A 330 -10.12 2.86 -13.75
CA PHE A 330 -8.91 2.14 -14.11
C PHE A 330 -8.69 2.32 -15.61
N ASP A 331 -7.46 2.08 -16.06
CA ASP A 331 -7.12 2.37 -17.45
C ASP A 331 -7.11 1.10 -18.30
N ASP A 332 -6.76 1.26 -19.57
CA ASP A 332 -6.91 0.21 -20.57
C ASP A 332 -5.57 -0.44 -20.87
N TYR A 333 -5.57 -1.77 -20.86
CA TYR A 333 -4.39 -2.59 -21.09
C TYR A 333 -4.73 -3.65 -22.13
N GLU A 334 -3.72 -4.09 -22.87
CA GLU A 334 -3.90 -5.21 -23.78
C GLU A 334 -4.44 -6.40 -22.99
N GLU A 335 -5.47 -7.05 -23.53
CA GLU A 335 -6.07 -8.20 -22.87
C GLU A 335 -5.35 -9.48 -23.30
N GLU A 336 -4.60 -10.09 -22.38
CA GLU A 336 -3.81 -11.29 -22.65
C GLU A 336 -4.45 -12.52 -22.01
N GLU A 337 -4.15 -13.71 -22.56
CA GLU A 337 -4.69 -14.98 -22.04
C GLU A 337 -4.29 -15.25 -20.59
N ILE A 338 -5.12 -16.03 -19.87
CA ILE A 338 -4.73 -16.65 -18.61
C ILE A 338 -4.52 -18.13 -18.92
N ARG A 339 -3.32 -18.48 -19.33
CA ARG A 339 -3.03 -19.82 -19.80
C ARG A 339 -2.48 -20.65 -18.64
N VAL A 340 -2.96 -21.87 -18.53
CA VAL A 340 -2.55 -22.77 -17.49
C VAL A 340 -1.90 -23.99 -18.13
N SEP A 341 -0.64 -24.21 -17.84
CA SEP A 341 0.10 -25.28 -18.46
CB SEP A 341 1.55 -25.25 -17.98
OG SEP A 341 2.29 -26.36 -18.45
C SEP A 341 -0.51 -26.61 -18.11
O SEP A 341 -1.13 -26.80 -17.06
P SEP A 341 2.90 -26.27 -19.95
O1P SEP A 341 4.09 -27.29 -19.92
O2P SEP A 341 1.68 -26.80 -20.79
O3P SEP A 341 3.34 -24.76 -20.29
H SEP A 341 -0.17 -23.74 -17.28
HA SEP A 341 0.09 -25.17 -19.44
HB2 SEP A 341 1.57 -25.25 -17.00
HB3 SEP A 341 1.97 -24.42 -18.30
N ILE A 342 -0.32 -27.57 -19.01
CA ILE A 342 -0.77 -28.92 -18.73
C ILE A 342 0.15 -29.61 -17.72
N ASN A 343 1.32 -29.02 -17.45
CA ASN A 343 2.30 -29.58 -16.53
C ASN A 343 2.53 -28.60 -15.38
N GLU A 344 2.71 -29.12 -14.17
CA GLU A 344 2.91 -28.26 -13.01
C GLU A 344 4.27 -27.59 -13.08
N LYS A 345 4.31 -26.28 -12.86
CA LYS A 345 5.55 -25.52 -12.81
C LYS A 345 5.84 -25.10 -11.38
N CYS A 346 7.11 -25.24 -10.97
CA CYS A 346 7.60 -24.65 -9.74
C CYS A 346 6.79 -25.12 -8.53
N GLY A 347 6.38 -26.38 -8.53
CA GLY A 347 5.54 -26.86 -7.44
C GLY A 347 6.22 -26.76 -6.10
N LYS A 348 7.48 -27.17 -6.03
CA LYS A 348 8.18 -27.19 -4.75
C LYS A 348 8.26 -25.80 -4.15
N GLU A 349 8.64 -24.82 -4.97
CA GLU A 349 8.88 -23.46 -4.48
C GLU A 349 7.63 -22.89 -3.84
N PHE A 350 6.45 -23.26 -4.35
CA PHE A 350 5.20 -22.65 -3.92
C PHE A 350 4.32 -23.58 -3.10
N THR A 351 4.92 -24.63 -2.52
CA THR A 351 4.17 -25.58 -1.72
C THR A 351 3.27 -24.93 -0.68
N GLU A 352 3.77 -23.92 0.05
N GLU A 352 3.77 -23.92 0.02
CA GLU A 352 2.97 -23.36 1.14
CA GLU A 352 3.02 -23.34 1.13
C GLU A 352 1.86 -22.44 0.67
C GLU A 352 1.93 -22.37 0.69
N PHE A 353 1.86 -22.01 -0.59
CA PHE A 353 0.85 -21.06 -1.03
C PHE A 353 -0.53 -21.71 -1.04
C1 HBD B . -7.35 -3.70 -7.13
C1 HBD B . -5.94 -4.25 -6.50
C2 HBD B . -7.48 -3.06 -8.37
C2 HBD B . -6.52 -4.99 -5.48
C3 HBD B . -6.37 -2.83 -9.16
C3 HBD B . -7.88 -4.92 -5.24
C4 HBD B . -5.11 -3.22 -8.71
C4 HBD B . -8.68 -4.13 -6.04
C5 HBD B . -4.98 -3.84 -7.48
C5 HBD B . -8.12 -3.41 -7.09
C6 HBD B . -6.09 -4.07 -6.70
C6 HBD B . -6.75 -3.46 -7.31
C1' HBD B . -8.56 -3.91 -6.27
C1' HBD B . -4.46 -4.30 -6.65
O1' HBD B . -9.64 -3.44 -6.63
O1' HBD B . -3.80 -5.00 -5.88
N1' HBD B . -8.41 -4.58 -5.14
N1' HBD B . -3.91 -3.58 -7.61
O4 HBD B . -4.02 -3.00 -9.50
O4 HBD B . -10.01 -3.98 -5.78
H2 HBD B . -8.47 -2.75 -8.71
H2 HBD B . -5.90 -5.63 -4.85
H3 HBD B . -6.50 -2.34 -10.12
H3 HBD B . -8.30 -5.50 -4.43
H5 HBD B . -3.99 -4.15 -7.14
H5 HBD B . -8.75 -2.81 -7.74
H6 HBD B . -5.97 -4.57 -5.74
H6 HBD B . -6.32 -2.88 -8.12
HN'1 HBD B . -9.20 -4.76 -4.52
HN'1 HBD B . -4.47 -3.00 -8.23
HN'2 HBD B . -7.52 -4.95 -4.84
HN'2 HBD B . -2.91 -3.56 -7.78
HO4 HBD B . -4.32 -2.57 -10.34
HO4 HBD B . -10.23 -4.53 -4.98
C1 MPD C . 7.57 -16.49 6.11
C2 MPD C . 6.81 -17.00 4.88
O2 MPD C . 6.00 -18.14 5.23
CM MPD C . 5.82 -15.99 4.34
C3 MPD C . 7.76 -17.33 3.72
C4 MPD C . 8.75 -18.47 3.99
O4 MPD C . 8.07 -19.64 4.40
C5 MPD C . 9.52 -18.78 2.70
H11 MPD C . 8.63 -16.47 5.91
H12 MPD C . 7.22 -15.48 6.35
H13 MPD C . 7.37 -17.15 6.95
HO2 MPD C . 6.23 -18.89 4.65
HM1 MPD C . 6.06 -15.78 3.30
HM2 MPD C . 5.89 -15.07 4.92
HM3 MPD C . 4.82 -16.39 4.41
H31 MPD C . 8.33 -16.44 3.48
H32 MPD C . 7.16 -17.59 2.86
H4 MPD C . 9.45 -18.15 4.76
HO4 MPD C . 8.71 -20.23 4.86
H51 MPD C . 9.37 -19.81 2.42
H52 MPD C . 10.58 -18.59 2.87
H53 MPD C . 9.17 -18.12 1.91
C1 MPD D . -8.08 4.00 16.41
C2 MPD D . -7.58 2.71 17.06
O2 MPD D . -6.85 3.16 18.23
CM MPD D . -8.75 1.85 17.56
C3 MPD D . -6.72 1.88 16.08
C4 MPD D . -5.23 2.15 16.19
O4 MPD D . -4.82 1.88 17.50
C5 MPD D . -4.44 1.29 15.19
H11 MPD D . -7.71 4.06 15.38
H12 MPD D . -7.71 4.85 16.98
H13 MPD D . -9.17 4.01 16.41
HO2 MPD D . -5.92 2.84 18.18
HM1 MPD D . -8.69 0.85 17.10
HM2 MPD D . -8.70 1.76 18.64
HM3 MPD D . -9.70 2.31 17.28
H31 MPD D . -6.91 0.82 16.27
H32 MPD D . -7.04 2.09 15.06
H4 MPD D . -5.05 3.20 15.95
HO4 MPD D . -3.85 2.05 17.59
H51 MPD D . -3.74 0.66 15.75
H52 MPD D . -5.13 0.66 14.64
H53 MPD D . -3.89 1.93 14.51
S DMS E . 10.07 23.36 -5.04
O DMS E . 9.70 22.63 -3.79
C1 DMS E . 9.13 24.91 -5.15
C2 DMS E . 11.76 24.01 -4.90
H11 DMS E . 8.09 24.69 -5.23
H12 DMS E . 9.45 25.46 -5.99
H13 DMS E . 9.29 25.48 -4.27
H21 DMS E . 11.83 24.61 -4.03
H22 DMS E . 11.98 24.60 -5.75
H23 DMS E . 12.44 23.21 -4.83
S DMS F . 14.38 -1.34 -6.94
O DMS F . 14.35 -0.72 -5.59
C1 DMS F . 13.17 -0.51 -8.02
C2 DMS F . 15.92 -0.90 -7.80
H11 DMS F . 12.19 -0.68 -7.64
H12 DMS F . 13.37 0.53 -8.03
H13 DMS F . 13.24 -0.90 -9.00
H21 DMS F . 15.89 -1.26 -8.78
H22 DMS F . 16.74 -1.31 -7.27
H23 DMS F . 16.00 0.16 -7.82
#